data_8AVA
#
_entry.id   8AVA
#
_cell.length_a   77.072
_cell.length_b   87.094
_cell.length_c   99.271
_cell.angle_alpha   90.000
_cell.angle_beta   90.000
_cell.angle_gamma   90.000
#
_symmetry.space_group_name_H-M   'P 21 21 21'
#
loop_
_entity.id
_entity.type
_entity.pdbx_description
1 polymer 'Leukotriene A-4 hydrolase'
2 non-polymer 'ZINC ION'
3 non-polymer 'YTTERBIUM (III) ION'
4 non-polymer 'ACETATE ION'
5 non-polymer IMIDAZOLE
6 non-polymer 4-[4-(phenylmethyl)phenyl]-1,3-oxazol-2-amine
7 non-polymer GLYCEROL
8 water water
#
_entity_poly.entity_id   1
_entity_poly.type   'polypeptide(L)'
_entity_poly.pdbx_seq_one_letter_code
;MHHHHHHPEIVDTCSLASPASVCRTKHLHLRCSVDFTRRTLTGTAALTVQSQEDNLRSLVLDTKDLTIEKVVINGQEVKY
ALGERQSYKGSPMEISLPIALSKNQEIVIEISFETSPKSSALQWLTPEQTSGKEHPYLFSQCQAIHCRAILPCQDTPSVK
LTYTAEVSVPKELVALMSAIRDGETPDPEDPSRKIYKFIQKVPIPCYLIALVVGALESRQIGPRTLVWSEKEQVEKSAYE
FSETESMLKIAEDLGGPYVWGQYDLLVLPPSFPYGGMENPCLTFVTPTLLAGDKSLSNVIAHEISHSWTGNLVTNKTWDH
FWLNEGHTVYLERHICGRLFGEKFRHFNALGGWGELQNSVKTFGETHPFTKLVVDLTDIDPDVAYSSVPYEKGFALLFYL
EQLLGGPEIFLGFLKAYVEKFSYKSITTDDWKDFLYSYFKDKVDVLNQVDWNAWLYSPGLPPIKPNYDMTLTNACIALSQ
RWITAKEDDLNSFNATDLKDLSSHQLNEFLAQTLQRAPLPLGHIKRMQEVYNFNAINNSEIRFRWLRLCIQSKWEDAIPL
ALKMATEQGRMKFTRPLFKDLAAFDKSHDQAVRTYQEHKASMHPVTAMLVGKDLKVD
;
_entity_poly.pdbx_strand_id   A
#
# COMPACT_ATOMS: atom_id res chain seq x y z
N VAL A 11 -12.57 -20.17 -1.91
CA VAL A 11 -11.18 -20.52 -2.44
C VAL A 11 -10.35 -19.28 -2.88
N ASP A 12 -9.15 -19.25 -2.36
CA ASP A 12 -8.17 -18.23 -2.73
C ASP A 12 -7.25 -18.77 -3.83
N THR A 13 -7.46 -18.29 -5.02
CA THR A 13 -6.72 -18.74 -6.24
C THR A 13 -5.29 -18.24 -6.18
N CYS A 14 -4.91 -17.37 -5.24
CA CYS A 14 -3.53 -16.88 -5.23
C CYS A 14 -2.65 -17.70 -4.27
N SER A 15 -3.23 -18.61 -3.52
CA SER A 15 -2.52 -19.38 -2.47
C SER A 15 -2.49 -20.84 -2.89
N LEU A 16 -1.38 -21.51 -2.63
CA LEU A 16 -1.24 -22.97 -2.89
C LEU A 16 -1.42 -23.73 -1.58
N ALA A 17 -1.60 -23.02 -0.45
CA ALA A 17 -1.68 -23.64 0.89
C ALA A 17 -3.04 -24.34 1.08
N SER A 18 -3.07 -25.23 2.06
CA SER A 18 -4.36 -25.72 2.61
C SER A 18 -5.26 -24.54 2.91
N PRO A 19 -6.51 -24.60 2.47
CA PRO A 19 -7.44 -23.51 2.78
C PRO A 19 -7.89 -23.55 4.25
N ALA A 20 -8.51 -22.43 4.66
CA ALA A 20 -9.04 -22.27 6.04
C ALA A 20 -10.09 -23.31 6.42
N SER A 21 -10.73 -23.96 5.46
CA SER A 21 -11.69 -25.05 5.70
C SER A 21 -10.98 -26.35 6.09
N VAL A 22 -9.68 -26.46 5.88
CA VAL A 22 -8.88 -27.66 6.18
C VAL A 22 -8.14 -27.48 7.49
N CYS A 23 -7.41 -26.38 7.59
N CYS A 23 -7.43 -26.36 7.61
CA CYS A 23 -6.67 -26.07 8.83
CA CYS A 23 -6.59 -26.08 8.80
C CYS A 23 -6.47 -24.56 8.89
C CYS A 23 -6.44 -24.57 8.89
N ARG A 24 -6.20 -24.07 10.09
CA ARG A 24 -6.01 -22.61 10.26
C ARG A 24 -4.82 -22.37 11.17
N THR A 25 -3.90 -21.56 10.71
CA THR A 25 -2.80 -21.07 11.55
C THR A 25 -3.44 -20.17 12.60
N LYS A 26 -3.16 -20.41 13.85
CA LYS A 26 -3.64 -19.58 14.97
C LYS A 26 -2.52 -18.62 15.46
N HIS A 27 -1.28 -19.03 15.33
CA HIS A 27 -0.15 -18.26 15.90
C HIS A 27 1.11 -18.61 15.17
N LEU A 28 1.97 -17.58 15.02
CA LEU A 28 3.35 -17.74 14.53
C LEU A 28 4.29 -17.28 15.64
N HIS A 29 5.29 -18.09 15.92
CA HIS A 29 6.44 -17.67 16.74
C HIS A 29 7.63 -17.72 15.82
N LEU A 30 8.15 -16.55 15.44
CA LEU A 30 9.30 -16.43 14.50
C LEU A 30 10.56 -16.14 15.30
N ARG A 31 11.60 -16.96 15.14
CA ARG A 31 12.93 -16.69 15.70
C ARG A 31 13.88 -16.60 14.54
N CYS A 32 14.42 -15.43 14.28
CA CYS A 32 15.27 -15.31 13.10
C CYS A 32 16.42 -14.35 13.29
N SER A 33 17.38 -14.51 12.40
CA SER A 33 18.63 -13.74 12.39
C SER A 33 18.77 -13.10 11.02
N VAL A 34 19.10 -11.80 11.00
CA VAL A 34 19.28 -11.01 9.77
C VAL A 34 20.76 -10.96 9.43
N ASP A 35 21.15 -11.56 8.33
CA ASP A 35 22.55 -11.65 7.89
C ASP A 35 22.71 -10.74 6.67
N PHE A 36 23.24 -9.55 6.90
CA PHE A 36 23.47 -8.58 5.81
C PHE A 36 24.60 -9.02 4.86
N THR A 37 25.54 -9.86 5.31
CA THR A 37 26.65 -10.32 4.42
C THR A 37 26.06 -11.24 3.36
N ARG A 38 25.14 -12.10 3.74
CA ARG A 38 24.51 -13.09 2.85
C ARG A 38 23.20 -12.59 2.27
N ARG A 39 22.63 -11.51 2.82
CA ARG A 39 21.28 -11.02 2.45
C ARG A 39 20.25 -12.15 2.66
N THR A 40 20.29 -12.79 3.82
CA THR A 40 19.34 -13.84 4.19
C THR A 40 18.78 -13.56 5.57
N LEU A 41 17.55 -14.02 5.77
N LEU A 41 17.52 -13.96 5.76
CA LEU A 41 16.89 -14.15 7.10
CA LEU A 41 16.91 -14.20 7.09
C LEU A 41 16.84 -15.66 7.35
C LEU A 41 16.96 -15.70 7.29
N THR A 42 17.47 -16.13 8.42
CA THR A 42 17.53 -17.59 8.73
C THR A 42 16.83 -17.78 10.03
N GLY A 43 16.03 -18.82 10.15
CA GLY A 43 15.39 -18.99 11.45
C GLY A 43 14.39 -20.12 11.49
N THR A 44 13.53 -20.06 12.47
CA THR A 44 12.43 -21.00 12.66
C THR A 44 11.15 -20.22 12.67
N ALA A 45 10.20 -20.76 11.95
CA ALA A 45 8.79 -20.34 12.02
C ALA A 45 7.99 -21.43 12.70
N ALA A 46 7.54 -21.21 13.92
CA ALA A 46 6.73 -22.20 14.67
C ALA A 46 5.28 -21.81 14.46
N LEU A 47 4.57 -22.55 13.64
CA LEU A 47 3.14 -22.35 13.38
C LEU A 47 2.31 -23.21 14.31
N THR A 48 1.44 -22.59 15.10
CA THR A 48 0.39 -23.30 15.79
C THR A 48 -0.81 -23.44 14.86
N VAL A 49 -1.11 -24.64 14.45
CA VAL A 49 -2.13 -24.92 13.44
C VAL A 49 -3.27 -25.70 14.08
N GLN A 50 -4.47 -25.27 13.81
CA GLN A 50 -5.69 -25.96 14.25
C GLN A 50 -6.36 -26.70 13.12
N SER A 51 -6.51 -28.00 13.27
CA SER A 51 -7.26 -28.77 12.27
C SER A 51 -8.69 -28.28 12.19
N GLN A 52 -9.25 -28.24 11.01
CA GLN A 52 -10.70 -27.99 10.84
C GLN A 52 -11.35 -29.25 10.30
N GLU A 53 -10.65 -30.40 10.32
CA GLU A 53 -11.34 -31.60 9.83
C GLU A 53 -10.89 -32.80 10.67
N ASP A 54 -11.67 -33.82 10.55
CA ASP A 54 -11.35 -35.14 11.17
C ASP A 54 -10.19 -35.80 10.44
N ASN A 55 -9.34 -36.51 11.17
CA ASN A 55 -8.30 -37.35 10.59
C ASN A 55 -7.39 -36.60 9.63
N LEU A 56 -6.94 -35.43 10.02
CA LEU A 56 -6.00 -34.63 9.16
C LEU A 56 -4.61 -35.21 9.26
N ARG A 57 -4.01 -35.54 8.12
CA ARG A 57 -2.68 -36.19 8.12
C ARG A 57 -1.60 -35.43 7.39
N SER A 58 -1.98 -34.39 6.69
CA SER A 58 -1.01 -33.55 6.01
C SER A 58 -1.60 -32.16 5.81
N LEU A 59 -0.70 -31.26 5.50
CA LEU A 59 -1.16 -29.93 5.06
C LEU A 59 -0.09 -29.29 4.21
N VAL A 60 -0.50 -28.22 3.59
CA VAL A 60 0.33 -27.57 2.56
C VAL A 60 0.46 -26.11 2.91
N LEU A 61 1.70 -25.65 2.82
CA LEU A 61 2.00 -24.23 3.04
C LEU A 61 2.54 -23.59 1.76
N ASP A 62 2.36 -22.27 1.70
CA ASP A 62 3.00 -21.46 0.64
C ASP A 62 4.47 -21.21 0.96
N THR A 63 5.30 -21.20 -0.06
CA THR A 63 6.72 -20.77 0.06
C THR A 63 7.10 -20.13 -1.25
N LYS A 64 8.13 -19.28 -1.23
CA LYS A 64 8.65 -18.74 -2.51
C LYS A 64 10.11 -18.44 -2.30
N ASP A 65 10.98 -19.19 -3.02
CA ASP A 65 12.43 -19.04 -2.93
C ASP A 65 12.92 -19.21 -1.50
N LEU A 66 12.33 -20.13 -0.71
CA LEU A 66 12.82 -20.46 0.64
C LEU A 66 13.62 -21.73 0.57
N THR A 67 14.70 -21.75 1.32
CA THR A 67 15.45 -22.98 1.59
C THR A 67 14.91 -23.58 2.88
N ILE A 68 14.45 -24.82 2.84
CA ILE A 68 13.93 -25.50 4.06
C ILE A 68 15.01 -26.45 4.53
N GLU A 69 15.40 -26.34 5.79
CA GLU A 69 16.40 -27.22 6.41
C GLU A 69 15.69 -28.48 6.98
N LYS A 70 14.60 -28.31 7.67
CA LYS A 70 13.88 -29.37 8.39
C LYS A 70 12.58 -28.85 8.98
N VAL A 71 11.69 -29.79 9.25
CA VAL A 71 10.37 -29.55 9.83
C VAL A 71 10.24 -30.46 11.05
N VAL A 72 9.93 -29.85 12.19
CA VAL A 72 9.96 -30.57 13.47
C VAL A 72 8.59 -30.46 14.12
N ILE A 73 8.02 -31.61 14.46
CA ILE A 73 6.74 -31.73 15.21
C ILE A 73 6.97 -32.71 16.37
N ASN A 74 6.60 -32.33 17.59
CA ASN A 74 6.72 -33.27 18.75
C ASN A 74 8.21 -33.62 18.92
N GLY A 75 9.13 -32.72 18.56
CA GLY A 75 10.57 -32.87 18.81
C GLY A 75 11.21 -33.79 17.81
N GLN A 76 10.49 -34.31 16.82
CA GLN A 76 11.11 -35.16 15.77
C GLN A 76 10.97 -34.52 14.40
N GLU A 77 11.94 -34.78 13.53
CA GLU A 77 11.88 -34.33 12.13
C GLU A 77 10.80 -35.14 11.44
N VAL A 78 10.02 -34.47 10.61
CA VAL A 78 8.95 -35.10 9.81
C VAL A 78 9.27 -34.97 8.34
N LYS A 79 8.54 -35.73 7.57
CA LYS A 79 8.64 -35.71 6.10
C LYS A 79 7.93 -34.46 5.56
N TYR A 80 8.53 -33.87 4.53
CA TYR A 80 7.87 -32.77 3.79
C TYR A 80 8.38 -32.83 2.34
N ALA A 81 7.69 -32.14 1.45
CA ALA A 81 8.04 -32.18 0.01
C ALA A 81 7.70 -30.83 -0.58
N LEU A 82 8.62 -30.29 -1.37
CA LEU A 82 8.34 -29.04 -2.06
C LEU A 82 7.90 -29.37 -3.48
N GLY A 83 6.74 -28.88 -3.89
CA GLY A 83 6.20 -29.04 -5.25
C GLY A 83 6.99 -28.16 -6.24
N GLU A 84 6.73 -28.37 -7.52
CA GLU A 84 7.28 -27.56 -8.63
C GLU A 84 6.82 -26.11 -8.42
N ARG A 85 7.69 -25.17 -8.69
CA ARG A 85 7.36 -23.76 -8.64
C ARG A 85 6.25 -23.43 -9.66
N GLN A 86 5.27 -22.65 -9.22
CA GLN A 86 4.13 -22.14 -10.02
C GLN A 86 4.29 -20.62 -10.18
N SER A 87 5.35 -20.21 -10.88
CA SER A 87 5.57 -18.81 -11.24
C SER A 87 5.52 -17.96 -9.97
N TYR A 88 4.78 -16.85 -10.01
CA TYR A 88 4.73 -15.85 -8.94
C TYR A 88 4.11 -16.47 -7.67
N LYS A 89 3.43 -17.60 -7.75
CA LYS A 89 2.81 -18.19 -6.53
C LYS A 89 3.84 -18.89 -5.66
N GLY A 90 5.02 -19.20 -6.19
CA GLY A 90 6.00 -20.00 -5.47
C GLY A 90 5.75 -21.49 -5.57
N SER A 91 6.23 -22.17 -4.56
CA SER A 91 6.29 -23.64 -4.48
C SER A 91 5.49 -24.08 -3.27
N PRO A 92 4.55 -25.02 -3.45
CA PRO A 92 3.78 -25.52 -2.31
C PRO A 92 4.66 -26.47 -1.48
N MET A 93 4.49 -26.46 -0.17
CA MET A 93 5.28 -27.31 0.73
C MET A 93 4.28 -28.23 1.45
N GLU A 94 4.32 -29.52 1.15
CA GLU A 94 3.40 -30.49 1.80
C GLU A 94 4.12 -31.07 3.01
N ILE A 95 3.47 -31.06 4.16
CA ILE A 95 4.06 -31.57 5.42
C ILE A 95 3.24 -32.75 5.90
N SER A 96 3.86 -33.91 6.10
CA SER A 96 3.19 -35.13 6.57
C SER A 96 3.13 -35.10 8.10
N LEU A 97 1.96 -35.05 8.70
CA LEU A 97 1.87 -34.95 10.17
C LEU A 97 2.20 -36.31 10.79
N PRO A 98 2.92 -36.37 11.91
CA PRO A 98 3.27 -37.68 12.48
C PRO A 98 2.06 -38.43 13.05
N ILE A 99 1.05 -37.71 13.48
CA ILE A 99 -0.17 -38.27 14.13
C ILE A 99 -1.39 -37.56 13.58
N ALA A 100 -2.35 -38.33 13.10
CA ALA A 100 -3.58 -37.73 12.58
C ALA A 100 -4.25 -36.85 13.65
N LEU A 101 -4.74 -35.68 13.21
CA LEU A 101 -5.42 -34.71 14.09
C LEU A 101 -6.93 -34.84 13.99
N SER A 102 -7.62 -34.69 15.11
N SER A 102 -7.60 -34.67 15.12
CA SER A 102 -9.08 -34.54 15.09
CA SER A 102 -9.06 -34.48 15.20
C SER A 102 -9.46 -33.08 14.85
C SER A 102 -9.45 -33.05 14.83
N LYS A 103 -10.73 -32.83 14.61
CA LYS A 103 -11.21 -31.47 14.41
C LYS A 103 -10.97 -30.63 15.66
N ASN A 104 -10.45 -29.42 15.45
CA ASN A 104 -10.12 -28.43 16.50
C ASN A 104 -8.85 -28.77 17.26
N GLN A 105 -8.19 -29.89 16.99
CA GLN A 105 -6.89 -30.17 17.64
C GLN A 105 -5.84 -29.20 17.10
N GLU A 106 -4.95 -28.78 17.98
CA GLU A 106 -3.87 -27.85 17.61
C GLU A 106 -2.54 -28.51 17.80
N ILE A 107 -1.64 -28.27 16.86
CA ILE A 107 -0.24 -28.68 17.04
C ILE A 107 0.69 -27.53 16.69
N VAL A 108 1.96 -27.70 17.04
CA VAL A 108 2.99 -26.75 16.68
C VAL A 108 3.92 -27.39 15.67
N ILE A 109 4.09 -26.68 14.57
CA ILE A 109 4.99 -27.17 13.50
C ILE A 109 6.15 -26.18 13.41
N GLU A 110 7.37 -26.62 13.66
CA GLU A 110 8.56 -25.74 13.67
C GLU A 110 9.34 -25.95 12.39
N ILE A 111 9.40 -24.94 11.53
CA ILE A 111 10.10 -25.05 10.23
C ILE A 111 11.37 -24.19 10.27
N SER A 112 12.49 -24.82 10.01
CA SER A 112 13.81 -24.17 9.89
C SER A 112 14.01 -23.79 8.42
N PHE A 113 14.25 -22.52 8.14
CA PHE A 113 14.20 -21.98 6.77
C PHE A 113 15.27 -20.87 6.67
N GLU A 114 15.60 -20.56 5.44
CA GLU A 114 16.39 -19.37 5.11
C GLU A 114 15.76 -18.71 3.87
N THR A 115 15.76 -17.40 3.80
CA THR A 115 15.27 -16.72 2.60
C THR A 115 16.39 -16.65 1.55
N SER A 116 15.96 -16.35 0.36
CA SER A 116 16.83 -16.01 -0.79
C SER A 116 17.13 -14.52 -0.79
N PRO A 117 18.38 -14.10 -1.12
CA PRO A 117 18.66 -12.71 -1.42
C PRO A 117 17.65 -12.09 -2.40
N LYS A 118 17.05 -12.88 -3.29
N LYS A 118 17.04 -12.86 -3.31
CA LYS A 118 16.10 -12.41 -4.34
CA LYS A 118 16.12 -12.26 -4.31
C LYS A 118 14.65 -12.52 -3.86
C LYS A 118 14.68 -12.24 -3.81
N SER A 119 14.44 -12.66 -2.55
CA SER A 119 13.08 -12.62 -1.96
C SER A 119 12.32 -11.40 -2.48
N SER A 120 11.13 -11.61 -3.01
CA SER A 120 10.34 -10.52 -3.54
C SER A 120 9.69 -9.69 -2.42
N ALA A 121 9.72 -10.23 -1.20
CA ALA A 121 9.27 -9.49 -0.02
C ALA A 121 10.22 -8.42 0.47
N LEU A 122 11.50 -8.54 0.16
CA LEU A 122 12.56 -7.82 0.85
C LEU A 122 13.30 -6.90 -0.09
N GLN A 123 13.74 -5.77 0.46
CA GLN A 123 14.82 -5.00 -0.19
C GLN A 123 15.96 -4.89 0.81
N TRP A 124 17.13 -5.29 0.35
CA TRP A 124 18.39 -5.14 1.07
C TRP A 124 19.10 -3.91 0.50
N LEU A 125 19.42 -2.96 1.33
CA LEU A 125 20.15 -1.73 0.94
C LEU A 125 21.57 -1.76 1.47
N THR A 126 22.50 -1.38 0.62
CA THR A 126 23.88 -1.08 1.00
C THR A 126 23.92 0.24 1.78
N PRO A 127 24.99 0.46 2.58
CA PRO A 127 25.14 1.75 3.27
C PRO A 127 24.93 2.95 2.33
N GLU A 128 25.53 2.82 1.14
N GLU A 128 25.50 2.93 1.11
CA GLU A 128 25.51 3.80 0.02
CA GLU A 128 25.43 4.09 0.18
C GLU A 128 24.09 4.22 -0.33
C GLU A 128 23.99 4.35 -0.27
N GLN A 129 23.08 3.36 -0.11
CA GLN A 129 21.69 3.58 -0.48
C GLN A 129 20.88 4.17 0.69
N THR A 130 21.50 4.39 1.81
CA THR A 130 20.82 4.89 3.02
C THR A 130 21.13 6.39 3.23
N SER A 131 20.45 7.07 4.15
CA SER A 131 20.75 8.48 4.46
C SER A 131 22.12 8.62 5.16
N GLY A 132 22.43 7.71 6.09
CA GLY A 132 23.60 7.81 6.99
C GLY A 132 24.89 7.35 6.34
N LYS A 133 24.80 6.44 5.37
CA LYS A 133 25.94 5.97 4.56
C LYS A 133 26.87 5.06 5.36
N GLU A 134 26.57 4.70 6.62
CA GLU A 134 27.50 3.85 7.43
C GLU A 134 26.96 2.42 7.50
N HIS A 135 25.65 2.26 7.62
CA HIS A 135 25.00 1.00 7.90
C HIS A 135 24.10 0.61 6.73
N PRO A 136 23.90 -0.71 6.54
CA PRO A 136 22.89 -1.22 5.66
C PRO A 136 21.50 -1.14 6.28
N TYR A 137 20.56 -1.59 5.50
CA TYR A 137 19.13 -1.45 5.85
C TYR A 137 18.34 -2.53 5.12
N LEU A 138 17.33 -3.04 5.79
CA LEU A 138 16.39 -4.06 5.24
C LEU A 138 14.99 -3.61 5.52
N PHE A 139 14.10 -3.78 4.56
CA PHE A 139 12.68 -3.68 4.88
C PHE A 139 11.90 -4.67 4.03
N SER A 140 10.77 -5.05 4.61
CA SER A 140 9.78 -5.95 3.97
C SER A 140 8.58 -5.21 3.43
N GLN A 141 7.88 -5.87 2.55
N GLN A 141 7.86 -5.89 2.55
CA GLN A 141 6.54 -5.46 2.12
CA GLN A 141 6.56 -5.46 2.01
C GLN A 141 5.87 -6.74 1.61
C GLN A 141 5.83 -6.72 1.55
N CYS A 142 4.88 -7.21 2.36
CA CYS A 142 4.27 -8.52 2.10
C CYS A 142 3.03 -8.40 1.24
N GLN A 143 2.35 -7.26 1.23
CA GLN A 143 1.08 -7.23 0.47
C GLN A 143 1.40 -7.32 -1.04
N ALA A 144 0.69 -8.12 -1.82
CA ALA A 144 -0.38 -9.02 -1.38
C ALA A 144 0.17 -10.37 -0.92
N ILE A 145 1.01 -11.04 -1.74
CA ILE A 145 1.36 -12.47 -1.54
C ILE A 145 2.87 -12.63 -1.50
N HIS A 146 3.52 -11.77 -0.76
CA HIS A 146 4.97 -11.89 -0.57
C HIS A 146 5.32 -12.46 0.80
N CYS A 147 4.42 -12.63 1.74
CA CYS A 147 4.82 -13.23 3.03
C CYS A 147 5.47 -14.60 2.81
N ARG A 148 5.01 -15.35 1.83
CA ARG A 148 5.58 -16.68 1.47
C ARG A 148 7.04 -16.57 1.04
N ALA A 149 7.54 -15.38 0.69
CA ALA A 149 8.94 -15.21 0.31
C ALA A 149 9.76 -14.82 1.53
N ILE A 150 9.16 -14.76 2.72
CA ILE A 150 9.89 -14.56 3.99
C ILE A 150 9.81 -15.82 4.85
N LEU A 151 8.65 -16.48 4.91
CA LEU A 151 8.54 -17.67 5.76
C LEU A 151 7.42 -18.55 5.22
N PRO A 152 7.42 -19.84 5.56
CA PRO A 152 6.36 -20.72 5.11
C PRO A 152 5.08 -20.40 5.86
N CYS A 153 3.97 -20.31 5.15
CA CYS A 153 2.73 -19.84 5.78
C CYS A 153 1.57 -20.15 4.88
N GLN A 154 0.36 -20.10 5.45
CA GLN A 154 -0.89 -20.08 4.66
C GLN A 154 -1.11 -18.65 4.16
N ASP A 155 -0.53 -18.33 2.99
CA ASP A 155 -0.37 -16.91 2.58
C ASP A 155 -1.66 -16.46 1.90
N THR A 156 -2.69 -16.32 2.70
CA THR A 156 -4.05 -16.00 2.26
C THR A 156 -4.62 -15.10 3.32
N PRO A 157 -5.38 -14.07 2.96
CA PRO A 157 -5.96 -13.21 3.98
C PRO A 157 -7.21 -13.80 4.64
N SER A 158 -7.62 -14.96 4.19
CA SER A 158 -8.71 -15.71 4.80
C SER A 158 -8.33 -16.30 6.15
N VAL A 159 -7.07 -16.30 6.52
CA VAL A 159 -6.56 -16.88 7.78
C VAL A 159 -5.94 -15.75 8.58
N LYS A 160 -6.33 -15.61 9.83
CA LYS A 160 -5.74 -14.60 10.72
C LYS A 160 -5.10 -15.25 11.93
N LEU A 161 -3.94 -14.77 12.27
CA LEU A 161 -3.12 -15.36 13.35
C LEU A 161 -2.52 -14.24 14.20
N THR A 162 -2.22 -14.55 15.44
CA THR A 162 -1.36 -13.71 16.30
C THR A 162 0.08 -14.09 16.03
N TYR A 163 1.01 -13.23 16.45
CA TYR A 163 2.42 -13.61 16.34
C TYR A 163 3.31 -13.02 17.39
N THR A 164 4.37 -13.77 17.64
CA THR A 164 5.48 -13.30 18.48
C THR A 164 6.75 -13.48 17.66
N ALA A 165 7.78 -12.68 17.91
CA ALA A 165 9.02 -12.80 17.14
C ALA A 165 10.18 -12.38 18.01
N GLU A 166 11.31 -12.98 17.73
CA GLU A 166 12.60 -12.62 18.30
C GLU A 166 13.52 -12.48 17.09
N VAL A 167 14.14 -11.31 16.90
CA VAL A 167 14.94 -11.00 15.70
C VAL A 167 16.34 -10.60 16.12
N SER A 168 17.33 -11.36 15.70
CA SER A 168 18.76 -11.11 15.95
C SER A 168 19.31 -10.23 14.83
N VAL A 169 19.95 -9.12 15.22
CA VAL A 169 20.52 -8.16 14.27
C VAL A 169 21.88 -7.73 14.78
N PRO A 170 22.73 -7.16 13.91
CA PRO A 170 23.94 -6.50 14.41
C PRO A 170 23.57 -5.43 15.44
N LYS A 171 24.32 -5.36 16.54
CA LYS A 171 23.90 -4.62 17.75
C LYS A 171 23.83 -3.11 17.46
N GLU A 172 24.48 -2.60 16.41
CA GLU A 172 24.42 -1.15 16.07
C GLU A 172 23.09 -0.81 15.42
N LEU A 173 22.29 -1.81 15.10
CA LEU A 173 21.04 -1.58 14.34
C LEU A 173 19.83 -1.86 15.21
N VAL A 174 18.68 -1.43 14.70
CA VAL A 174 17.39 -1.57 15.37
C VAL A 174 16.47 -2.37 14.45
N ALA A 175 15.73 -3.32 15.02
CA ALA A 175 14.63 -4.03 14.32
C ALA A 175 13.32 -3.48 14.82
N LEU A 176 12.34 -3.35 13.91
CA LEU A 176 10.94 -3.08 14.28
C LEU A 176 10.08 -4.01 13.44
N MET A 177 8.93 -4.29 13.98
CA MET A 177 7.90 -5.12 13.30
C MET A 177 6.53 -4.55 13.47
N SER A 178 5.60 -5.16 12.72
CA SER A 178 4.18 -4.82 12.84
C SER A 178 3.53 -5.43 14.11
N ALA A 179 3.99 -4.92 15.23
CA ALA A 179 3.74 -5.54 16.54
C ALA A 179 4.20 -4.58 17.64
N ILE A 180 3.85 -4.92 18.86
CA ILE A 180 4.26 -4.13 20.03
C ILE A 180 5.67 -4.54 20.38
N ARG A 181 6.54 -3.56 20.62
CA ARG A 181 7.93 -3.87 20.99
C ARG A 181 7.88 -4.53 22.36
N ASP A 182 8.66 -5.58 22.57
CA ASP A 182 8.55 -6.39 23.78
C ASP A 182 9.95 -6.61 24.39
N GLY A 183 10.86 -5.70 24.16
CA GLY A 183 12.18 -5.69 24.77
C GLY A 183 13.31 -6.01 23.81
N GLU A 184 14.54 -5.82 24.33
CA GLU A 184 15.75 -6.05 23.55
C GLU A 184 16.80 -6.54 24.55
N THR A 185 17.66 -7.41 24.09
CA THR A 185 18.78 -7.91 24.90
C THR A 185 19.97 -8.16 24.01
N PRO A 186 21.17 -8.27 24.60
CA PRO A 186 22.26 -8.79 23.80
C PRO A 186 21.89 -10.22 23.38
N ASP A 187 22.40 -10.67 22.26
CA ASP A 187 22.11 -12.03 21.76
C ASP A 187 22.96 -12.95 22.65
N PRO A 188 22.40 -13.88 23.44
CA PRO A 188 23.25 -14.71 24.29
C PRO A 188 24.14 -15.64 23.45
N GLU A 189 23.82 -15.92 22.19
CA GLU A 189 24.66 -16.72 21.25
C GLU A 189 25.76 -15.85 20.61
N ASP A 190 25.73 -14.50 20.64
CA ASP A 190 26.68 -13.65 19.84
C ASP A 190 26.65 -12.21 20.35
N PRO A 191 27.65 -11.79 21.15
CA PRO A 191 27.66 -10.46 21.77
C PRO A 191 27.75 -9.33 20.74
N SER A 192 28.01 -9.58 19.46
CA SER A 192 28.05 -8.54 18.42
C SER A 192 26.60 -8.23 17.95
N ARG A 193 25.64 -8.95 18.51
CA ARG A 193 24.23 -8.87 18.03
C ARG A 193 23.29 -8.59 19.18
N LYS A 194 22.11 -8.09 18.82
CA LYS A 194 21.03 -7.84 19.76
C LYS A 194 19.83 -8.64 19.27
N ILE A 195 19.01 -9.04 20.22
CA ILE A 195 17.70 -9.64 19.91
C ILE A 195 16.62 -8.64 20.30
N TYR A 196 15.74 -8.32 19.36
CA TYR A 196 14.57 -7.50 19.59
C TYR A 196 13.37 -8.46 19.54
N LYS A 197 12.50 -8.25 20.50
CA LYS A 197 11.30 -9.06 20.69
C LYS A 197 10.05 -8.28 20.39
N PHE A 198 9.01 -8.98 19.90
CA PHE A 198 7.76 -8.36 19.46
C PHE A 198 6.57 -9.26 19.75
N ILE A 199 5.44 -8.60 20.03
CA ILE A 199 4.15 -9.34 20.18
C ILE A 199 3.03 -8.62 19.46
N GLN A 200 2.29 -9.41 18.67
CA GLN A 200 1.06 -8.98 18.01
C GLN A 200 -0.06 -9.85 18.55
N LYS A 201 -0.81 -9.31 19.50
N LYS A 201 -0.82 -9.33 19.50
CA LYS A 201 -1.88 -10.02 20.24
CA LYS A 201 -1.86 -10.13 20.20
C LYS A 201 -3.20 -10.02 19.47
C LYS A 201 -3.22 -9.98 19.50
N VAL A 202 -3.31 -9.17 18.46
CA VAL A 202 -4.57 -9.10 17.64
C VAL A 202 -4.39 -9.97 16.43
N PRO A 203 -5.33 -10.88 16.10
CA PRO A 203 -5.14 -11.74 14.95
C PRO A 203 -5.10 -10.89 13.66
N ILE A 204 -4.16 -11.20 12.75
CA ILE A 204 -3.95 -10.46 11.48
C ILE A 204 -3.79 -11.49 10.39
N PRO A 205 -4.14 -11.09 9.15
CA PRO A 205 -3.69 -11.83 7.98
C PRO A 205 -2.20 -11.67 7.85
N CYS A 206 -1.56 -12.66 7.25
CA CYS A 206 -0.09 -12.65 7.23
C CYS A 206 0.49 -11.61 6.28
N TYR A 207 -0.27 -11.01 5.36
CA TYR A 207 0.26 -9.90 4.54
C TYR A 207 0.58 -8.67 5.39
N LEU A 208 0.14 -8.61 6.63
CA LEU A 208 0.44 -7.54 7.54
C LEU A 208 1.69 -7.79 8.40
N ILE A 209 2.36 -8.93 8.24
CA ILE A 209 3.64 -9.11 8.94
C ILE A 209 4.64 -8.19 8.25
N ALA A 210 5.51 -7.55 9.03
CA ALA A 210 6.46 -6.58 8.45
C ALA A 210 7.67 -6.57 9.39
N LEU A 211 8.82 -6.30 8.76
CA LEU A 211 10.13 -6.18 9.42
C LEU A 211 10.91 -5.05 8.79
N VAL A 212 11.59 -4.27 9.63
CA VAL A 212 12.62 -3.34 9.15
C VAL A 212 13.81 -3.50 10.08
N VAL A 213 14.99 -3.41 9.52
CA VAL A 213 16.24 -3.39 10.31
C VAL A 213 17.14 -2.27 9.76
N GLY A 214 17.56 -1.40 10.62
CA GLY A 214 18.48 -0.33 10.19
C GLY A 214 18.85 0.59 11.31
N ALA A 215 19.57 1.66 10.95
CA ALA A 215 20.06 2.64 11.93
C ALA A 215 18.92 3.62 12.21
N LEU A 216 17.93 3.17 12.99
CA LEU A 216 16.70 3.94 13.20
C LEU A 216 16.72 4.70 14.52
N GLU A 217 16.14 5.88 14.49
CA GLU A 217 15.90 6.70 15.70
C GLU A 217 14.44 7.04 15.74
N SER A 218 13.96 7.38 16.92
CA SER A 218 12.53 7.70 17.13
C SER A 218 12.35 9.05 17.76
N ARG A 219 11.19 9.64 17.51
CA ARG A 219 10.73 10.85 18.21
C ARG A 219 9.27 10.65 18.50
N GLN A 220 8.88 11.06 19.71
CA GLN A 220 7.46 10.99 20.06
C GLN A 220 6.71 12.17 19.41
N ILE A 221 5.52 11.92 18.83
CA ILE A 221 4.72 13.01 18.21
C ILE A 221 3.32 12.99 18.76
N GLY A 222 2.95 11.99 19.52
CA GLY A 222 1.64 11.97 20.13
C GLY A 222 1.61 10.97 21.26
N PRO A 223 0.48 10.83 21.99
CA PRO A 223 0.43 9.90 23.10
C PRO A 223 0.61 8.43 22.75
N ARG A 224 0.33 8.04 21.52
CA ARG A 224 0.50 6.66 21.12
C ARG A 224 1.27 6.55 19.83
N THR A 225 2.12 7.54 19.53
CA THR A 225 2.82 7.55 18.24
C THR A 225 4.25 8.04 18.39
N LEU A 226 5.16 7.19 17.94
CA LEU A 226 6.54 7.57 17.65
C LEU A 226 6.68 7.55 16.13
N VAL A 227 7.46 8.48 15.63
CA VAL A 227 8.00 8.42 14.26
CA VAL A 227 8.02 8.43 14.26
C VAL A 227 9.42 7.83 14.28
N TRP A 228 9.67 6.94 13.36
CA TRP A 228 10.97 6.26 13.23
C TRP A 228 11.52 6.55 11.86
N SER A 229 12.80 6.86 11.80
N SER A 229 12.79 6.88 11.79
CA SER A 229 13.49 7.03 10.51
CA SER A 229 13.52 6.93 10.50
C SER A 229 14.99 6.97 10.78
C SER A 229 15.01 6.95 10.78
N GLU A 230 15.81 7.09 9.74
CA GLU A 230 17.21 7.44 9.97
C GLU A 230 17.26 8.84 10.56
N LYS A 231 18.33 9.15 11.26
CA LYS A 231 18.45 10.40 12.05
CA LYS A 231 18.39 10.40 12.06
C LYS A 231 18.13 11.61 11.16
N GLU A 232 18.62 11.59 9.93
CA GLU A 232 18.57 12.74 8.99
C GLU A 232 17.12 13.10 8.70
N GLN A 233 16.14 12.21 8.86
CA GLN A 233 14.74 12.49 8.45
C GLN A 233 13.86 12.65 9.69
N VAL A 234 14.40 12.44 10.89
CA VAL A 234 13.49 12.47 12.07
C VAL A 234 12.78 13.83 12.25
N GLU A 235 13.49 14.92 12.22
CA GLU A 235 12.90 16.25 12.55
C GLU A 235 11.83 16.60 11.52
N LYS A 236 12.16 16.39 10.25
CA LYS A 236 11.16 16.72 9.18
C LYS A 236 9.96 15.83 9.29
N SER A 237 10.15 14.55 9.62
CA SER A 237 9.04 13.57 9.72
C SER A 237 8.13 13.95 10.88
N ALA A 238 8.72 14.34 12.00
CA ALA A 238 7.90 14.67 13.18
C ALA A 238 6.95 15.81 12.83
N TYR A 239 7.41 16.82 12.11
CA TYR A 239 6.58 17.97 11.76
C TYR A 239 5.56 17.50 10.73
N GLU A 240 6.00 16.80 9.71
CA GLU A 240 5.14 16.44 8.57
C GLU A 240 3.92 15.70 9.02
N PHE A 241 4.08 14.84 10.01
CA PHE A 241 3.04 13.89 10.47
C PHE A 241 2.46 14.28 11.79
N SER A 242 2.58 15.54 12.16
CA SER A 242 2.11 16.01 13.49
C SER A 242 0.58 15.94 13.62
N GLU A 243 -0.17 15.84 12.56
CA GLU A 243 -1.65 15.71 12.70
C GLU A 243 -2.05 14.28 13.08
N THR A 244 -1.12 13.34 13.15
CA THR A 244 -1.48 11.92 13.31
C THR A 244 -2.44 11.69 14.50
N GLU A 245 -2.11 12.18 15.70
CA GLU A 245 -3.03 11.92 16.85
C GLU A 245 -4.42 12.48 16.57
N SER A 246 -4.53 13.66 16.01
CA SER A 246 -5.84 14.26 15.70
CA SER A 246 -5.84 14.27 15.69
C SER A 246 -6.60 13.34 14.74
N MET A 247 -5.92 12.77 13.75
N MET A 247 -5.92 12.77 13.76
CA MET A 247 -6.58 11.86 12.78
CA MET A 247 -6.57 11.86 12.78
C MET A 247 -7.01 10.57 13.47
C MET A 247 -7.01 10.56 13.46
N LEU A 248 -6.20 10.06 14.40
CA LEU A 248 -6.55 8.84 15.14
C LEU A 248 -7.77 9.09 15.98
N LYS A 249 -7.90 10.26 16.58
CA LYS A 249 -9.11 10.52 17.39
C LYS A 249 -10.35 10.56 16.48
N ILE A 250 -10.24 11.24 15.34
CA ILE A 250 -11.40 11.26 14.40
C ILE A 250 -11.72 9.85 13.97
N ALA A 251 -10.70 9.08 13.57
CA ALA A 251 -10.91 7.70 13.10
C ALA A 251 -11.59 6.83 14.17
N GLU A 252 -11.24 7.02 15.44
CA GLU A 252 -11.93 6.28 16.53
C GLU A 252 -13.38 6.71 16.59
N ASP A 253 -13.67 7.98 16.39
CA ASP A 253 -15.05 8.43 16.45
C ASP A 253 -15.82 7.72 15.33
N LEU A 254 -15.26 7.56 14.16
CA LEU A 254 -15.98 7.00 12.99
C LEU A 254 -16.04 5.47 13.08
N GLY A 255 -14.94 4.83 13.48
CA GLY A 255 -14.75 3.37 13.35
C GLY A 255 -14.98 2.58 14.61
N GLY A 256 -14.97 3.23 15.77
CA GLY A 256 -14.96 2.55 17.07
C GLY A 256 -13.52 2.47 17.58
N PRO A 257 -13.32 1.77 18.70
CA PRO A 257 -12.02 1.80 19.35
C PRO A 257 -10.88 1.38 18.47
N TYR A 258 -9.76 2.06 18.67
CA TYR A 258 -8.50 1.63 18.08
C TYR A 258 -7.99 0.47 18.94
N VAL A 259 -7.82 -0.72 18.36
CA VAL A 259 -7.57 -1.95 19.17
C VAL A 259 -6.10 -2.31 19.24
N TRP A 260 -5.24 -1.59 18.57
CA TRP A 260 -3.88 -2.06 18.25
C TRP A 260 -2.83 -1.54 19.24
N GLY A 261 -3.19 -0.73 20.20
CA GLY A 261 -2.25 -0.23 21.23
C GLY A 261 -1.50 1.01 20.72
N GLN A 262 -0.49 0.81 19.94
CA GLN A 262 0.40 1.84 19.44
C GLN A 262 -0.03 2.14 18.03
N TYR A 263 0.22 3.38 17.61
CA TYR A 263 0.23 3.75 16.18
C TYR A 263 1.52 4.48 15.87
N ASP A 264 2.54 3.73 15.52
CA ASP A 264 3.84 4.33 15.15
C ASP A 264 3.93 4.45 13.63
N LEU A 265 4.81 5.34 13.21
CA LEU A 265 5.08 5.57 11.76
C LEU A 265 6.54 5.34 11.51
N LEU A 266 6.84 4.67 10.42
CA LEU A 266 8.20 4.43 9.98
C LEU A 266 8.34 5.08 8.60
N VAL A 267 9.30 5.98 8.49
CA VAL A 267 9.59 6.65 7.20
C VAL A 267 10.75 5.92 6.54
N LEU A 268 10.43 5.18 5.50
CA LEU A 268 11.37 4.29 4.78
C LEU A 268 12.33 5.09 3.93
N PRO A 269 13.34 4.38 3.39
CA PRO A 269 14.16 4.97 2.35
C PRO A 269 13.31 5.20 1.11
N PRO A 270 13.85 5.97 0.12
CA PRO A 270 13.03 6.43 -1.00
C PRO A 270 12.58 5.34 -1.96
N SER A 271 13.21 4.15 -1.90
CA SER A 271 12.74 3.02 -2.73
C SER A 271 11.48 2.31 -2.19
N PHE A 272 10.90 2.75 -1.07
CA PHE A 272 9.66 2.08 -0.60
C PHE A 272 8.61 2.18 -1.70
N PRO A 273 8.00 1.07 -2.17
CA PRO A 273 7.20 1.07 -3.42
C PRO A 273 5.85 1.72 -3.40
N TYR A 274 5.30 1.93 -2.22
CA TYR A 274 3.95 2.47 -2.06
C TYR A 274 3.98 3.75 -1.25
N GLY A 275 2.90 4.52 -1.28
CA GLY A 275 2.82 5.70 -0.45
C GLY A 275 2.83 5.37 1.02
N GLY A 276 2.10 4.32 1.31
CA GLY A 276 2.06 3.83 2.67
C GLY A 276 1.71 2.35 2.68
N MET A 277 1.91 1.71 3.82
N MET A 277 1.95 1.69 3.80
CA MET A 277 1.45 0.32 4.01
CA MET A 277 1.45 0.32 4.01
C MET A 277 1.02 0.20 5.49
C MET A 277 1.00 0.26 5.48
N GLU A 278 -0.19 -0.29 5.68
CA GLU A 278 -0.91 -0.24 6.96
C GLU A 278 -0.45 -1.32 7.92
N ASN A 279 0.84 -1.54 8.02
CA ASN A 279 1.30 -2.63 8.93
C ASN A 279 0.87 -2.29 10.34
N PRO A 280 0.25 -3.23 11.07
CA PRO A 280 -0.36 -2.88 12.34
C PRO A 280 0.70 -2.50 13.35
N CYS A 281 0.41 -1.43 14.12
CA CYS A 281 1.28 -0.82 15.13
C CYS A 281 2.37 -0.01 14.50
N LEU A 282 2.61 -0.16 13.21
CA LEU A 282 3.79 0.48 12.58
C LEU A 282 3.51 0.70 11.11
N THR A 283 2.76 1.74 10.81
CA THR A 283 2.53 2.15 9.39
C THR A 283 3.86 2.53 8.73
N PHE A 284 4.09 2.02 7.55
CA PHE A 284 5.27 2.32 6.74
C PHE A 284 4.89 3.42 5.76
N VAL A 285 5.72 4.45 5.62
CA VAL A 285 5.40 5.54 4.65
C VAL A 285 6.60 5.87 3.79
N THR A 286 6.32 6.33 2.58
CA THR A 286 7.32 6.86 1.62
C THR A 286 7.83 8.19 2.16
N PRO A 287 9.13 8.46 1.98
CA PRO A 287 9.67 9.76 2.31
C PRO A 287 9.28 10.84 1.30
N THR A 288 8.61 10.42 0.22
CA THR A 288 8.04 11.40 -0.73
C THR A 288 6.88 12.15 -0.10
N LEU A 289 6.38 11.75 1.06
CA LEU A 289 5.41 12.57 1.77
C LEU A 289 6.03 13.82 2.39
N LEU A 290 7.34 13.96 2.46
CA LEU A 290 7.98 15.02 3.24
C LEU A 290 8.03 16.33 2.41
N ALA A 291 6.84 16.90 2.21
CA ALA A 291 6.69 18.12 1.41
C ALA A 291 7.07 19.35 2.20
N GLY A 292 7.09 19.33 3.52
CA GLY A 292 7.45 20.43 4.39
C GLY A 292 6.26 21.18 4.87
N ASP A 293 5.04 20.83 4.48
CA ASP A 293 3.88 21.64 4.87
C ASP A 293 2.66 20.79 5.25
N LYS A 294 2.87 19.47 5.44
CA LYS A 294 1.83 18.52 5.88
C LYS A 294 0.82 18.32 4.75
N SER A 295 1.09 18.75 3.53
CA SER A 295 0.01 18.74 2.52
C SER A 295 -0.35 17.35 2.02
N LEU A 296 0.54 16.37 2.21
CA LEU A 296 0.28 14.97 1.76
C LEU A 296 -0.18 14.12 2.91
N SER A 297 -0.75 14.72 3.95
CA SER A 297 -1.17 13.95 5.14
C SER A 297 -2.39 13.08 4.85
N ASN A 298 -3.04 13.18 3.69
CA ASN A 298 -4.15 12.27 3.42
C ASN A 298 -3.62 10.82 3.43
N VAL A 299 -2.38 10.61 3.08
CA VAL A 299 -1.81 9.24 3.08
C VAL A 299 -1.78 8.71 4.50
N ILE A 300 -1.50 9.53 5.47
CA ILE A 300 -1.53 9.11 6.89
C ILE A 300 -2.96 8.82 7.28
N ALA A 301 -3.90 9.68 6.89
CA ALA A 301 -5.32 9.44 7.18
C ALA A 301 -5.81 8.10 6.57
N HIS A 302 -5.29 7.75 5.41
CA HIS A 302 -5.62 6.48 4.72
C HIS A 302 -5.02 5.31 5.52
N GLU A 303 -3.75 5.39 5.93
CA GLU A 303 -3.15 4.26 6.66
C GLU A 303 -3.78 4.10 8.01
N ILE A 304 -4.12 5.19 8.67
CA ILE A 304 -4.84 5.13 9.96
C ILE A 304 -6.13 4.37 9.73
N SER A 305 -6.88 4.73 8.70
CA SER A 305 -8.21 4.16 8.44
C SER A 305 -8.15 2.66 8.31
N HIS A 306 -7.06 2.14 7.74
CA HIS A 306 -6.88 0.70 7.54
C HIS A 306 -6.85 -0.04 8.88
N SER A 307 -6.62 0.62 9.99
CA SER A 307 -6.68 0.00 11.34
C SER A 307 -8.08 -0.58 11.59
N TRP A 308 -9.06 -0.14 10.83
CA TRP A 308 -10.44 -0.65 10.89
C TRP A 308 -10.71 -1.42 9.59
N THR A 309 -10.70 -0.71 8.47
CA THR A 309 -11.09 -1.27 7.16
C THR A 309 -9.87 -1.86 6.48
N GLY A 310 -9.67 -3.12 6.64
CA GLY A 310 -8.51 -3.86 6.12
C GLY A 310 -7.94 -4.68 7.24
N ASN A 311 -7.52 -4.05 8.35
CA ASN A 311 -6.77 -4.80 9.39
C ASN A 311 -7.72 -5.47 10.36
N LEU A 312 -8.90 -4.88 10.63
N LEU A 312 -8.91 -4.91 10.58
CA LEU A 312 -9.94 -5.52 11.49
CA LEU A 312 -9.91 -5.51 11.48
C LEU A 312 -10.91 -6.30 10.62
C LEU A 312 -10.92 -6.29 10.64
N VAL A 313 -11.53 -5.64 9.65
CA VAL A 313 -12.37 -6.30 8.64
C VAL A 313 -11.49 -6.52 7.45
N THR A 314 -11.24 -7.74 7.01
CA THR A 314 -10.25 -8.04 5.97
C THR A 314 -10.93 -8.69 4.76
N ASN A 315 -10.41 -8.49 3.55
CA ASN A 315 -10.82 -9.21 2.34
CA ASN A 315 -10.90 -9.22 2.38
C ASN A 315 -10.50 -10.70 2.46
N LYS A 316 -11.41 -11.57 2.15
CA LYS A 316 -11.22 -13.02 2.26
C LYS A 316 -10.24 -13.48 1.20
N THR A 317 -10.31 -12.85 0.05
CA THR A 317 -9.40 -13.18 -1.07
C THR A 317 -9.09 -11.85 -1.79
N TRP A 318 -8.04 -11.81 -2.55
CA TRP A 318 -7.61 -10.60 -3.25
C TRP A 318 -8.60 -10.15 -4.32
N ASP A 319 -9.53 -11.01 -4.74
CA ASP A 319 -10.57 -10.60 -5.69
C ASP A 319 -11.43 -9.52 -5.03
N HIS A 320 -11.46 -9.46 -3.70
CA HIS A 320 -12.35 -8.56 -2.94
C HIS A 320 -11.54 -7.45 -2.28
N PHE A 321 -10.37 -7.13 -2.82
CA PHE A 321 -9.48 -6.09 -2.31
C PHE A 321 -10.20 -4.74 -2.21
N TRP A 322 -11.11 -4.44 -3.12
CA TRP A 322 -11.85 -3.18 -3.08
C TRP A 322 -12.52 -2.98 -1.74
N LEU A 323 -12.92 -4.05 -1.03
CA LEU A 323 -13.52 -3.82 0.28
C LEU A 323 -12.54 -3.11 1.18
N ASN A 324 -11.31 -3.54 1.17
CA ASN A 324 -10.27 -2.91 1.97
C ASN A 324 -10.08 -1.46 1.50
N GLU A 325 -9.88 -1.26 0.22
CA GLU A 325 -9.41 0.08 -0.21
C GLU A 325 -10.56 1.06 -0.35
N GLY A 326 -11.69 0.66 -0.89
CA GLY A 326 -12.77 1.61 -1.07
C GLY A 326 -13.22 2.18 0.24
N HIS A 327 -13.44 1.30 1.26
CA HIS A 327 -13.89 1.76 2.59
C HIS A 327 -12.81 2.61 3.27
N THR A 328 -11.56 2.27 3.02
CA THR A 328 -10.44 3.03 3.61
C THR A 328 -10.40 4.44 2.99
N VAL A 329 -10.54 4.55 1.66
CA VAL A 329 -10.56 5.87 1.02
C VAL A 329 -11.76 6.64 1.55
N TYR A 330 -12.87 5.94 1.71
CA TYR A 330 -14.06 6.60 2.25
C TYR A 330 -13.81 7.18 3.63
N LEU A 331 -13.21 6.41 4.54
CA LEU A 331 -12.90 6.93 5.89
C LEU A 331 -11.81 8.02 5.80
N GLU A 332 -10.79 7.81 4.98
CA GLU A 332 -9.70 8.81 4.79
C GLU A 332 -10.33 10.17 4.46
N ARG A 333 -11.26 10.19 3.51
CA ARG A 333 -11.83 11.45 3.02
C ARG A 333 -12.74 12.07 4.08
N HIS A 334 -13.39 11.24 4.91
CA HIS A 334 -14.10 11.80 6.08
C HIS A 334 -13.16 12.39 7.13
N ILE A 335 -12.00 11.77 7.38
CA ILE A 335 -11.03 12.35 8.35
C ILE A 335 -10.60 13.71 7.82
N CYS A 336 -10.23 13.77 6.54
CA CYS A 336 -9.76 15.03 5.94
C CYS A 336 -10.93 16.03 5.93
N GLY A 337 -12.17 15.59 5.72
CA GLY A 337 -13.30 16.51 5.72
C GLY A 337 -13.58 17.02 7.11
N ARG A 338 -13.39 16.23 8.17
CA ARG A 338 -13.58 16.71 9.55
CA ARG A 338 -13.58 16.71 9.55
C ARG A 338 -12.50 17.74 9.87
N LEU A 339 -11.26 17.51 9.46
CA LEU A 339 -10.16 18.47 9.69
C LEU A 339 -10.33 19.73 8.85
N PHE A 340 -10.67 19.63 7.58
CA PHE A 340 -10.52 20.80 6.66
C PHE A 340 -11.80 21.20 5.98
N GLY A 341 -12.89 20.53 6.26
CA GLY A 341 -14.22 20.93 5.81
C GLY A 341 -14.78 19.99 4.78
N GLU A 342 -16.11 20.00 4.71
CA GLU A 342 -16.88 19.21 3.75
C GLU A 342 -16.53 19.64 2.29
N LYS A 343 -16.36 20.92 2.02
CA LYS A 343 -15.97 21.31 0.63
C LYS A 343 -14.66 20.60 0.24
N PHE A 344 -13.72 20.46 1.16
CA PHE A 344 -12.45 19.78 0.90
C PHE A 344 -12.71 18.29 0.65
N ARG A 345 -13.57 17.66 1.44
CA ARG A 345 -13.88 16.25 1.17
C ARG A 345 -14.44 16.09 -0.25
N HIS A 346 -15.32 16.96 -0.70
CA HIS A 346 -15.91 16.87 -2.08
C HIS A 346 -14.82 17.15 -3.11
N PHE A 347 -13.89 18.06 -2.80
CA PHE A 347 -12.75 18.36 -3.71
C PHE A 347 -11.91 17.10 -3.89
N ASN A 348 -11.56 16.44 -2.80
CA ASN A 348 -10.75 15.22 -2.89
C ASN A 348 -11.54 14.11 -3.54
N ALA A 349 -12.82 14.01 -3.26
CA ALA A 349 -13.65 12.98 -3.90
C ALA A 349 -13.66 13.16 -5.43
N LEU A 350 -13.84 14.39 -5.88
CA LEU A 350 -13.90 14.68 -7.32
C LEU A 350 -12.53 14.47 -7.95
N GLY A 351 -11.46 14.81 -7.27
CA GLY A 351 -10.11 14.44 -7.76
C GLY A 351 -10.00 12.95 -8.00
N GLY A 352 -10.51 12.15 -7.07
CA GLY A 352 -10.40 10.69 -7.18
C GLY A 352 -11.18 10.14 -8.35
N TRP A 353 -12.33 10.71 -8.68
CA TRP A 353 -13.06 10.39 -9.91
C TRP A 353 -12.17 10.62 -11.12
N GLY A 354 -11.44 11.74 -11.13
CA GLY A 354 -10.48 12.04 -12.20
C GLY A 354 -9.42 10.97 -12.28
N GLU A 355 -8.91 10.48 -11.16
CA GLU A 355 -7.88 9.42 -11.18
C GLU A 355 -8.50 8.13 -11.73
N LEU A 356 -9.76 7.91 -11.42
CA LEU A 356 -10.50 6.75 -11.98
C LEU A 356 -10.68 6.87 -13.49
N GLN A 357 -11.00 8.08 -13.98
CA GLN A 357 -11.12 8.30 -15.44
C GLN A 357 -9.77 7.94 -16.06
N ASN A 358 -8.69 8.43 -15.48
CA ASN A 358 -7.32 8.19 -16.00
C ASN A 358 -7.04 6.69 -16.06
N SER A 359 -7.36 5.95 -15.00
CA SER A 359 -7.04 4.48 -14.92
C SER A 359 -7.85 3.75 -15.97
N VAL A 360 -9.11 4.10 -16.12
CA VAL A 360 -9.99 3.45 -17.12
C VAL A 360 -9.49 3.77 -18.53
N LYS A 361 -9.03 4.99 -18.78
CA LYS A 361 -8.53 5.36 -20.12
C LYS A 361 -7.26 4.56 -20.35
N THR A 362 -6.39 4.41 -19.37
CA THR A 362 -5.10 3.71 -19.51
C THR A 362 -5.30 2.21 -19.79
N PHE A 363 -6.16 1.56 -19.02
CA PHE A 363 -6.36 0.12 -19.17
C PHE A 363 -7.22 -0.19 -20.39
N GLY A 364 -8.17 0.69 -20.68
CA GLY A 364 -9.27 0.54 -21.63
C GLY A 364 -10.57 0.24 -20.90
N GLU A 365 -11.68 0.62 -21.49
CA GLU A 365 -12.98 0.62 -20.76
C GLU A 365 -13.57 -0.81 -20.72
N THR A 366 -13.00 -1.80 -21.42
CA THR A 366 -13.44 -3.20 -21.35
C THR A 366 -12.45 -4.04 -20.53
N HIS A 367 -11.37 -3.44 -20.01
CA HIS A 367 -10.29 -4.23 -19.40
C HIS A 367 -10.80 -4.89 -18.13
N PRO A 368 -10.49 -6.16 -17.90
CA PRO A 368 -10.99 -6.83 -16.69
C PRO A 368 -10.47 -6.27 -15.37
N PHE A 369 -9.35 -5.55 -15.37
CA PHE A 369 -8.83 -4.93 -14.12
C PHE A 369 -9.53 -3.57 -13.85
N THR A 370 -10.56 -3.20 -14.60
CA THR A 370 -11.40 -2.02 -14.30
C THR A 370 -12.69 -2.48 -13.64
N LYS A 371 -12.88 -3.78 -13.45
CA LYS A 371 -14.00 -4.28 -12.66
C LYS A 371 -13.73 -4.02 -11.18
N LEU A 372 -14.77 -3.87 -10.38
CA LEU A 372 -14.59 -3.72 -8.93
C LEU A 372 -14.19 -5.03 -8.28
N VAL A 373 -14.94 -6.09 -8.55
CA VAL A 373 -14.57 -7.47 -8.14
C VAL A 373 -13.85 -8.12 -9.32
N VAL A 374 -12.62 -8.49 -9.09
CA VAL A 374 -11.75 -9.04 -10.13
C VAL A 374 -11.58 -10.54 -9.95
N ASP A 375 -10.98 -11.18 -10.93
CA ASP A 375 -10.67 -12.60 -10.87
C ASP A 375 -9.18 -12.73 -11.13
N LEU A 376 -8.42 -12.96 -10.07
CA LEU A 376 -6.96 -12.99 -10.21
C LEU A 376 -6.44 -14.39 -10.43
N THR A 377 -7.29 -15.33 -10.85
CA THR A 377 -6.78 -16.66 -11.33
C THR A 377 -5.67 -16.42 -12.35
N ASP A 378 -4.50 -16.96 -12.05
CA ASP A 378 -3.36 -16.93 -13.00
C ASP A 378 -2.90 -15.49 -13.32
N ILE A 379 -3.29 -14.49 -12.52
CA ILE A 379 -2.76 -13.12 -12.65
C ILE A 379 -1.82 -12.88 -11.45
N ASP A 380 -0.65 -12.32 -11.69
CA ASP A 380 0.23 -11.81 -10.60
C ASP A 380 -0.52 -10.64 -9.98
N PRO A 381 -0.87 -10.69 -8.66
CA PRO A 381 -1.56 -9.54 -8.07
C PRO A 381 -0.81 -8.21 -8.24
N ASP A 382 0.51 -8.24 -8.25
CA ASP A 382 1.27 -6.98 -8.39
C ASP A 382 1.03 -6.34 -9.74
N VAL A 383 0.74 -7.12 -10.78
CA VAL A 383 0.43 -6.62 -12.14
C VAL A 383 -0.96 -6.02 -12.21
N ALA A 384 -1.88 -6.49 -11.38
CA ALA A 384 -3.27 -5.98 -11.39
C ALA A 384 -3.41 -4.67 -10.60
N TYR A 385 -2.49 -4.43 -9.67
CA TYR A 385 -2.59 -3.30 -8.75
C TYR A 385 -2.77 -1.98 -9.53
N SER A 386 -3.75 -1.19 -9.15
CA SER A 386 -4.00 0.15 -9.71
C SER A 386 -4.87 0.95 -8.75
N SER A 387 -5.23 2.14 -9.17
CA SER A 387 -6.16 3.02 -8.40
C SER A 387 -7.63 2.54 -8.55
N VAL A 388 -7.91 1.57 -9.39
CA VAL A 388 -9.32 1.19 -9.62
C VAL A 388 -9.99 0.76 -8.32
N PRO A 389 -9.47 -0.17 -7.52
CA PRO A 389 -10.21 -0.62 -6.36
C PRO A 389 -10.39 0.52 -5.37
N TYR A 390 -9.42 1.44 -5.29
CA TYR A 390 -9.52 2.66 -4.45
C TYR A 390 -10.69 3.50 -4.90
N GLU A 391 -10.68 3.91 -6.15
CA GLU A 391 -11.53 5.00 -6.59
C GLU A 391 -12.85 4.47 -7.08
N LYS A 392 -12.90 3.32 -7.75
CA LYS A 392 -14.23 2.76 -8.12
C LYS A 392 -14.91 2.31 -6.82
N GLY A 393 -14.15 1.83 -5.85
CA GLY A 393 -14.72 1.44 -4.57
C GLY A 393 -15.19 2.64 -3.81
N PHE A 394 -14.40 3.70 -3.74
CA PHE A 394 -14.85 4.97 -3.11
C PHE A 394 -16.11 5.47 -3.82
N ALA A 395 -16.11 5.46 -5.13
CA ALA A 395 -17.23 6.06 -5.91
C ALA A 395 -18.52 5.29 -5.59
N LEU A 396 -18.46 3.98 -5.44
CA LEU A 396 -19.68 3.22 -5.07
C LEU A 396 -20.17 3.63 -3.70
N LEU A 397 -19.28 3.77 -2.74
CA LEU A 397 -19.70 4.13 -1.37
C LEU A 397 -20.25 5.57 -1.32
N PHE A 398 -19.65 6.47 -2.08
CA PHE A 398 -20.07 7.88 -2.14
C PHE A 398 -21.42 7.97 -2.84
N TYR A 399 -21.61 7.18 -3.84
CA TYR A 399 -22.95 7.05 -4.51
C TYR A 399 -23.97 6.55 -3.50
N LEU A 400 -23.63 5.50 -2.76
CA LEU A 400 -24.62 4.92 -1.81
C LEU A 400 -24.89 5.93 -0.70
N GLU A 401 -23.86 6.64 -0.21
CA GLU A 401 -24.03 7.71 0.77
C GLU A 401 -25.12 8.66 0.28
N GLN A 402 -25.01 9.08 -0.96
CA GLN A 402 -25.98 10.09 -1.48
C GLN A 402 -27.34 9.45 -1.60
N LEU A 403 -27.41 8.25 -2.11
CA LEU A 403 -28.69 7.50 -2.31
C LEU A 403 -29.41 7.25 -0.97
N LEU A 404 -28.69 7.01 0.10
CA LEU A 404 -29.28 6.52 1.36
C LEU A 404 -29.49 7.64 2.39
N GLY A 405 -29.21 8.89 2.07
CA GLY A 405 -29.58 9.99 2.98
C GLY A 405 -28.43 10.76 3.57
N GLY A 406 -27.21 10.52 3.08
CA GLY A 406 -26.11 11.44 3.36
C GLY A 406 -25.08 10.83 4.31
N PRO A 407 -24.05 11.62 4.58
CA PRO A 407 -22.86 11.08 5.25
C PRO A 407 -23.08 10.66 6.70
N GLU A 408 -23.93 11.35 7.44
N GLU A 408 -23.91 11.35 7.47
CA GLU A 408 -24.22 10.97 8.84
CA GLU A 408 -24.08 10.89 8.88
C GLU A 408 -24.78 9.55 8.84
C GLU A 408 -24.77 9.52 8.85
N ILE A 409 -25.76 9.31 7.97
CA ILE A 409 -26.44 8.01 7.90
C ILE A 409 -25.44 6.95 7.44
N PHE A 410 -24.66 7.24 6.43
CA PHE A 410 -23.80 6.20 5.83
C PHE A 410 -22.68 5.90 6.80
N LEU A 411 -22.22 6.88 7.54
CA LEU A 411 -21.18 6.63 8.58
C LEU A 411 -21.74 5.68 9.67
N GLY A 412 -23.06 5.71 9.98
CA GLY A 412 -23.66 4.74 10.95
C GLY A 412 -23.49 3.34 10.40
N PHE A 413 -23.69 3.19 9.10
CA PHE A 413 -23.48 1.88 8.43
C PHE A 413 -22.02 1.50 8.57
N LEU A 414 -21.12 2.41 8.29
N LEU A 414 -21.09 2.40 8.23
CA LEU A 414 -19.70 2.02 8.31
CA LEU A 414 -19.63 2.07 8.27
C LEU A 414 -19.29 1.50 9.71
C LEU A 414 -19.26 1.54 9.67
N LYS A 415 -19.72 2.18 10.75
CA LYS A 415 -19.33 1.79 12.11
C LYS A 415 -19.91 0.41 12.39
N ALA A 416 -21.18 0.18 12.03
CA ALA A 416 -21.85 -1.09 12.27
C ALA A 416 -21.21 -2.23 11.48
N TYR A 417 -20.72 -1.93 10.28
CA TYR A 417 -20.01 -2.87 9.39
C TYR A 417 -18.70 -3.31 10.01
N VAL A 418 -17.95 -2.35 10.52
CA VAL A 418 -16.68 -2.68 11.18
C VAL A 418 -16.97 -3.54 12.39
N GLU A 419 -17.97 -3.17 13.18
CA GLU A 419 -18.29 -3.96 14.41
C GLU A 419 -18.72 -5.37 14.02
N LYS A 420 -19.54 -5.52 13.00
CA LYS A 420 -20.08 -6.81 12.57
C LYS A 420 -18.94 -7.76 12.19
N PHE A 421 -17.96 -7.25 11.42
CA PHE A 421 -17.00 -8.15 10.77
C PHE A 421 -15.59 -8.01 11.37
N SER A 422 -15.48 -7.36 12.51
CA SER A 422 -14.17 -7.23 13.21
C SER A 422 -13.57 -8.63 13.42
N TYR A 423 -12.28 -8.75 13.10
CA TYR A 423 -11.50 -9.99 13.29
C TYR A 423 -11.83 -11.04 12.23
N LYS A 424 -12.64 -10.69 11.23
CA LYS A 424 -13.11 -11.65 10.22
C LYS A 424 -12.57 -11.27 8.85
N SER A 425 -12.62 -12.22 7.93
CA SER A 425 -12.28 -12.03 6.49
C SER A 425 -13.52 -12.34 5.66
N ILE A 426 -13.90 -11.40 4.82
CA ILE A 426 -15.24 -11.34 4.19
C ILE A 426 -15.13 -11.16 2.68
N THR A 427 -16.25 -11.42 2.00
CA THR A 427 -16.39 -11.22 0.54
C THR A 427 -17.35 -10.07 0.23
N THR A 428 -17.39 -9.69 -1.04
CA THR A 428 -18.36 -8.66 -1.51
C THR A 428 -19.78 -9.08 -1.17
N ASP A 429 -20.10 -10.36 -1.28
CA ASP A 429 -21.46 -10.81 -0.94
C ASP A 429 -21.77 -10.61 0.53
N ASP A 430 -20.80 -10.86 1.40
CA ASP A 430 -20.96 -10.60 2.86
C ASP A 430 -21.27 -9.13 3.08
N TRP A 431 -20.47 -8.25 2.45
CA TRP A 431 -20.70 -6.78 2.58
C TRP A 431 -22.11 -6.42 2.11
N LYS A 432 -22.47 -6.89 0.94
CA LYS A 432 -23.75 -6.50 0.33
C LYS A 432 -24.90 -7.00 1.22
N ASP A 433 -24.79 -8.21 1.72
N ASP A 433 -24.82 -8.24 1.72
CA ASP A 433 -25.88 -8.75 2.53
CA ASP A 433 -25.86 -8.84 2.59
C ASP A 433 -26.04 -7.89 3.79
C ASP A 433 -26.05 -7.95 3.82
N PHE A 434 -24.95 -7.47 4.41
CA PHE A 434 -24.99 -6.63 5.62
C PHE A 434 -25.53 -5.23 5.26
N LEU A 435 -25.14 -4.65 4.13
CA LEU A 435 -25.66 -3.36 3.64
C LEU A 435 -27.18 -3.48 3.58
N TYR A 436 -27.67 -4.54 2.95
CA TYR A 436 -29.15 -4.77 2.84
C TYR A 436 -29.79 -4.93 4.23
N SER A 437 -29.15 -5.66 5.14
CA SER A 437 -29.67 -5.88 6.50
C SER A 437 -29.76 -4.52 7.20
N TYR A 438 -28.66 -3.80 7.24
CA TYR A 438 -28.59 -2.51 7.94
C TYR A 438 -29.65 -1.51 7.40
N PHE A 439 -29.78 -1.43 6.07
CA PHE A 439 -30.67 -0.47 5.37
C PHE A 439 -31.99 -1.20 5.01
N LYS A 440 -32.44 -2.10 5.85
CA LYS A 440 -33.70 -2.88 5.59
C LYS A 440 -34.85 -1.92 5.24
N ASP A 441 -34.92 -0.76 5.86
CA ASP A 441 -36.01 0.21 5.59
C ASP A 441 -35.80 0.97 4.30
N LYS A 442 -34.68 0.79 3.62
CA LYS A 442 -34.38 1.48 2.35
C LYS A 442 -34.05 0.43 1.29
N VAL A 443 -34.58 -0.79 1.42
CA VAL A 443 -34.29 -1.83 0.40
C VAL A 443 -34.81 -1.41 -0.98
N ASP A 444 -35.90 -0.67 -1.07
CA ASP A 444 -36.43 -0.20 -2.38
C ASP A 444 -35.38 0.64 -3.10
N VAL A 445 -34.66 1.53 -2.37
CA VAL A 445 -33.56 2.38 -2.89
C VAL A 445 -32.40 1.49 -3.29
N LEU A 446 -32.03 0.57 -2.45
CA LEU A 446 -30.89 -0.32 -2.77
C LEU A 446 -31.16 -1.13 -4.04
N ASN A 447 -32.41 -1.53 -4.22
CA ASN A 447 -32.73 -2.35 -5.44
C ASN A 447 -32.71 -1.50 -6.71
N GLN A 448 -32.64 -0.16 -6.62
CA GLN A 448 -32.44 0.74 -7.78
C GLN A 448 -31.00 0.68 -8.23
N VAL A 449 -30.09 0.22 -7.38
CA VAL A 449 -28.67 0.20 -7.79
C VAL A 449 -28.44 -0.86 -8.86
N ASP A 450 -27.63 -0.54 -9.89
CA ASP A 450 -27.26 -1.54 -10.92
C ASP A 450 -26.06 -2.33 -10.37
N TRP A 451 -26.32 -3.29 -9.48
CA TRP A 451 -25.23 -4.00 -8.77
C TRP A 451 -24.34 -4.71 -9.78
N ASN A 452 -24.94 -5.30 -10.79
CA ASN A 452 -24.14 -6.08 -11.75
C ASN A 452 -23.12 -5.18 -12.45
N ALA A 453 -23.52 -3.96 -12.80
CA ALA A 453 -22.63 -3.00 -13.47
C ALA A 453 -21.57 -2.52 -12.46
N TRP A 454 -21.96 -2.07 -11.28
CA TRP A 454 -21.01 -1.52 -10.28
C TRP A 454 -19.96 -2.58 -9.93
N LEU A 455 -20.39 -3.81 -9.58
CA LEU A 455 -19.47 -4.80 -9.03
C LEU A 455 -18.72 -5.51 -10.13
N TYR A 456 -19.36 -5.85 -11.24
CA TYR A 456 -18.84 -6.89 -12.18
C TYR A 456 -18.57 -6.35 -13.58
N SER A 457 -18.95 -5.14 -13.95
CA SER A 457 -18.71 -4.62 -15.30
C SER A 457 -17.44 -3.81 -15.33
N PRO A 458 -16.66 -3.92 -16.43
CA PRO A 458 -15.52 -3.01 -16.60
C PRO A 458 -15.92 -1.57 -16.94
N GLY A 459 -14.96 -0.68 -16.81
CA GLY A 459 -15.09 0.71 -17.26
C GLY A 459 -15.56 1.65 -16.15
N LEU A 460 -15.97 2.86 -16.54
CA LEU A 460 -16.46 3.82 -15.53
C LEU A 460 -17.77 3.30 -14.95
N PRO A 461 -18.07 3.62 -13.69
CA PRO A 461 -19.32 3.23 -13.09
C PRO A 461 -20.52 3.77 -13.86
N PRO A 462 -21.70 3.19 -13.69
CA PRO A 462 -22.81 3.61 -14.53
C PRO A 462 -23.44 4.93 -14.10
N ILE A 463 -23.15 5.40 -12.91
CA ILE A 463 -23.66 6.71 -12.44
CA ILE A 463 -23.67 6.68 -12.37
C ILE A 463 -22.50 7.41 -11.74
N LYS A 464 -22.40 8.70 -12.00
CA LYS A 464 -21.38 9.55 -11.35
C LYS A 464 -22.09 10.22 -10.18
N PRO A 465 -21.52 10.17 -8.98
CA PRO A 465 -22.00 10.91 -7.81
C PRO A 465 -22.11 12.43 -8.06
N ASN A 466 -22.76 13.13 -7.16
CA ASN A 466 -22.85 14.60 -7.14
C ASN A 466 -21.70 15.18 -6.32
N TYR A 467 -20.95 16.10 -6.87
CA TYR A 467 -19.78 16.66 -6.15
C TYR A 467 -19.93 18.18 -6.06
N ASP A 468 -19.77 18.73 -4.88
CA ASP A 468 -19.56 20.17 -4.68
C ASP A 468 -18.35 20.60 -5.50
N MET A 469 -18.49 21.71 -6.20
CA MET A 469 -17.40 22.16 -7.11
C MET A 469 -16.64 23.33 -6.52
N THR A 470 -16.97 23.86 -5.35
CA THR A 470 -16.45 25.14 -4.87
C THR A 470 -14.93 25.24 -5.04
N LEU A 471 -14.18 24.26 -4.57
CA LEU A 471 -12.69 24.38 -4.57
C LEU A 471 -12.13 23.94 -5.91
N THR A 472 -12.93 23.26 -6.72
CA THR A 472 -12.42 22.70 -7.97
C THR A 472 -12.47 23.80 -9.04
N ASN A 473 -13.42 24.69 -8.97
CA ASN A 473 -13.74 25.62 -10.09
C ASN A 473 -12.53 26.46 -10.49
N ALA A 474 -11.74 26.97 -9.55
CA ALA A 474 -10.55 27.80 -9.92
C ALA A 474 -9.52 26.97 -10.66
N CYS A 475 -9.40 25.69 -10.33
CA CYS A 475 -8.42 24.79 -10.94
C CYS A 475 -8.87 24.56 -12.39
N ILE A 476 -10.15 24.22 -12.59
CA ILE A 476 -10.71 23.99 -13.94
C ILE A 476 -10.57 25.30 -14.76
N ALA A 477 -10.89 26.43 -14.18
CA ALA A 477 -10.86 27.69 -14.93
C ALA A 477 -9.45 27.95 -15.40
N LEU A 478 -8.45 27.81 -14.54
CA LEU A 478 -7.07 28.11 -14.96
C LEU A 478 -6.61 27.09 -16.02
N SER A 479 -6.92 25.82 -15.82
CA SER A 479 -6.54 24.76 -16.77
C SER A 479 -7.11 25.12 -18.14
N GLN A 480 -8.38 25.45 -18.20
CA GLN A 480 -9.08 25.79 -19.45
C GLN A 480 -8.51 27.07 -20.09
N ARG A 481 -8.04 28.02 -19.28
CA ARG A 481 -7.37 29.21 -19.86
C ARG A 481 -6.11 28.74 -20.60
N TRP A 482 -5.30 27.87 -19.99
CA TRP A 482 -4.09 27.37 -20.68
C TRP A 482 -4.41 26.54 -21.91
N ILE A 483 -5.38 25.63 -21.80
CA ILE A 483 -5.68 24.73 -22.93
C ILE A 483 -6.20 25.53 -24.12
N THR A 484 -7.02 26.54 -23.87
CA THR A 484 -7.63 27.35 -24.93
C THR A 484 -6.71 28.50 -25.39
N ALA A 485 -5.64 28.77 -24.68
CA ALA A 485 -4.72 29.88 -25.03
C ALA A 485 -4.09 29.60 -26.38
N LYS A 486 -3.94 30.65 -27.17
CA LYS A 486 -3.08 30.65 -28.37
C LYS A 486 -1.82 31.44 -28.03
N GLU A 487 -0.86 31.45 -28.95
CA GLU A 487 0.44 32.08 -28.67
C GLU A 487 0.19 33.51 -28.14
N ASP A 488 -0.72 34.24 -28.76
CA ASP A 488 -0.91 35.69 -28.47
C ASP A 488 -1.52 35.89 -27.09
N ASP A 489 -1.95 34.81 -26.43
CA ASP A 489 -2.54 34.87 -25.07
C ASP A 489 -1.49 34.54 -24.00
N LEU A 490 -0.33 33.99 -24.38
CA LEU A 490 0.63 33.53 -23.35
C LEU A 490 1.10 34.67 -22.45
N ASN A 491 1.18 35.91 -22.98
CA ASN A 491 1.67 37.06 -22.23
C ASN A 491 0.74 37.37 -21.07
N SER A 492 -0.52 36.98 -21.18
CA SER A 492 -1.55 37.30 -20.16
C SER A 492 -1.30 36.48 -18.88
N PHE A 493 -0.63 35.35 -18.93
CA PHE A 493 -0.36 34.54 -17.71
C PHE A 493 0.79 35.17 -16.90
N ASN A 494 0.66 35.00 -15.58
N ASN A 494 0.70 35.02 -15.58
CA ASN A 494 1.48 35.67 -14.55
CA ASN A 494 1.68 35.60 -14.65
C ASN A 494 1.49 34.87 -13.27
C ASN A 494 1.51 34.92 -13.29
N ALA A 495 2.53 35.00 -12.45
CA ALA A 495 2.60 34.35 -11.13
C ALA A 495 1.35 34.68 -10.30
N THR A 496 0.71 35.81 -10.51
CA THR A 496 -0.49 36.20 -9.70
C THR A 496 -1.65 35.23 -9.96
N ASP A 497 -1.64 34.47 -11.07
CA ASP A 497 -2.69 33.45 -11.32
C ASP A 497 -2.79 32.43 -10.17
N LEU A 498 -1.69 32.22 -9.46
CA LEU A 498 -1.64 31.13 -8.48
C LEU A 498 -1.90 31.65 -7.09
N LYS A 499 -2.04 32.97 -6.94
CA LYS A 499 -1.91 33.51 -5.56
C LYS A 499 -3.01 32.95 -4.65
N ASP A 500 -4.20 32.62 -5.12
CA ASP A 500 -5.23 32.13 -4.19
C ASP A 500 -5.39 30.62 -4.27
N LEU A 501 -4.43 29.92 -4.83
CA LEU A 501 -4.55 28.45 -4.95
C LEU A 501 -3.73 27.77 -3.86
N SER A 502 -4.32 26.82 -3.16
CA SER A 502 -3.56 25.99 -2.20
C SER A 502 -2.68 25.05 -3.00
N SER A 503 -1.79 24.34 -2.31
CA SER A 503 -0.98 23.29 -2.96
C SER A 503 -1.91 22.24 -3.56
N HIS A 504 -2.99 21.93 -2.89
CA HIS A 504 -3.97 20.92 -3.37
C HIS A 504 -4.58 21.38 -4.70
N GLN A 505 -4.94 22.67 -4.78
CA GLN A 505 -5.49 23.23 -6.02
C GLN A 505 -4.45 23.31 -7.11
N LEU A 506 -3.21 23.59 -6.80
N LEU A 506 -3.18 23.60 -6.82
CA LEU A 506 -2.19 23.64 -7.84
CA LEU A 506 -2.14 23.61 -7.86
C LEU A 506 -2.04 22.22 -8.42
C LEU A 506 -2.07 22.20 -8.44
N ASN A 507 -2.07 21.22 -7.55
CA ASN A 507 -1.97 19.82 -8.01
C ASN A 507 -3.15 19.50 -8.91
N GLU A 508 -4.36 19.91 -8.52
CA GLU A 508 -5.52 19.62 -9.34
C GLU A 508 -5.51 20.37 -10.67
N PHE A 509 -5.04 21.64 -10.64
CA PHE A 509 -4.80 22.37 -11.90
C PHE A 509 -3.86 21.55 -12.82
N LEU A 510 -2.78 21.02 -12.29
CA LEU A 510 -1.87 20.20 -13.11
C LEU A 510 -2.58 18.94 -13.58
N ALA A 511 -3.35 18.29 -12.69
CA ALA A 511 -3.98 17.03 -13.04
C ALA A 511 -4.99 17.25 -14.17
N GLN A 512 -5.74 18.35 -14.09
CA GLN A 512 -6.73 18.70 -15.12
C GLN A 512 -6.01 18.94 -16.45
N THR A 513 -4.89 19.60 -16.41
CA THR A 513 -4.13 19.96 -17.60
C THR A 513 -3.46 18.74 -18.21
N LEU A 514 -2.95 17.85 -17.35
CA LEU A 514 -2.29 16.60 -17.79
C LEU A 514 -3.31 15.71 -18.50
N GLN A 515 -4.57 15.74 -18.10
CA GLN A 515 -5.64 14.99 -18.79
C GLN A 515 -5.79 15.42 -20.26
N ARG A 516 -5.33 16.61 -20.62
CA ARG A 516 -5.41 17.11 -22.00
C ARG A 516 -4.04 17.14 -22.64
N ALA A 517 -3.02 16.56 -22.02
CA ALA A 517 -1.68 16.61 -22.57
C ALA A 517 -1.58 15.81 -23.85
N PRO A 518 -0.71 16.17 -24.81
CA PRO A 518 0.25 17.30 -24.69
C PRO A 518 -0.42 18.65 -24.83
N LEU A 519 0.27 19.68 -24.36
CA LEU A 519 0.03 21.08 -24.72
C LEU A 519 1.21 21.51 -25.60
N PRO A 520 1.06 22.60 -26.35
CA PRO A 520 2.14 23.06 -27.18
C PRO A 520 3.40 23.35 -26.33
N LEU A 521 4.57 23.09 -26.89
CA LEU A 521 5.81 23.30 -26.14
C LEU A 521 5.92 24.76 -25.67
N GLY A 522 5.54 25.73 -26.48
CA GLY A 522 5.61 27.14 -26.04
C GLY A 522 4.75 27.41 -24.85
N HIS A 523 3.63 26.72 -24.69
CA HIS A 523 2.79 26.89 -23.48
C HIS A 523 3.50 26.37 -22.26
N ILE A 524 4.09 25.17 -22.35
CA ILE A 524 4.82 24.58 -21.21
C ILE A 524 6.03 25.45 -20.84
N LYS A 525 6.74 25.98 -21.83
CA LYS A 525 7.88 26.91 -21.55
C LYS A 525 7.36 28.12 -20.79
N ARG A 526 6.24 28.66 -21.21
CA ARG A 526 5.65 29.85 -20.60
C ARG A 526 5.22 29.54 -19.17
N MET A 527 4.63 28.36 -18.93
N MET A 527 4.68 28.35 -18.98
CA MET A 527 4.25 27.93 -17.56
CA MET A 527 4.23 27.93 -17.63
C MET A 527 5.47 27.95 -16.65
C MET A 527 5.44 27.93 -16.68
N GLN A 528 6.61 27.43 -17.11
CA GLN A 528 7.82 27.47 -16.24
C GLN A 528 8.21 28.94 -16.01
N GLU A 529 8.21 29.76 -17.06
CA GLU A 529 8.66 31.16 -16.97
C GLU A 529 7.81 31.87 -15.91
N VAL A 530 6.51 31.67 -15.88
CA VAL A 530 5.65 32.51 -14.98
C VAL A 530 5.38 31.85 -13.64
N TYR A 531 5.43 30.54 -13.56
CA TYR A 531 5.00 29.81 -12.34
C TYR A 531 6.18 29.15 -11.64
N ASN A 532 7.31 28.94 -12.34
CA ASN A 532 8.53 28.32 -11.76
C ASN A 532 8.16 26.99 -11.06
N PHE A 533 7.41 26.13 -11.73
CA PHE A 533 7.05 24.79 -11.23
C PHE A 533 8.32 23.94 -11.04
N ASN A 534 9.38 24.20 -11.78
CA ASN A 534 10.65 23.45 -11.53
C ASN A 534 11.14 23.63 -10.09
N ALA A 535 10.76 24.66 -9.35
CA ALA A 535 11.26 24.91 -8.00
C ALA A 535 10.45 24.11 -6.99
N ILE A 536 9.33 23.51 -7.39
CA ILE A 536 8.40 22.96 -6.36
C ILE A 536 8.89 21.53 -5.99
N ASN A 537 9.04 21.27 -4.73
CA ASN A 537 9.56 19.94 -4.28
C ASN A 537 8.44 19.00 -3.83
N ASN A 538 7.22 19.49 -3.70
CA ASN A 538 6.04 18.65 -3.39
C ASN A 538 6.01 17.55 -4.45
N SER A 539 6.08 16.27 -4.02
CA SER A 539 6.29 15.16 -4.98
CA SER A 539 6.30 15.14 -4.97
C SER A 539 5.09 14.99 -5.90
N GLU A 540 3.89 15.20 -5.39
CA GLU A 540 2.72 15.01 -6.27
C GLU A 540 2.66 16.08 -7.37
N ILE A 541 2.88 17.34 -6.97
CA ILE A 541 2.94 18.46 -7.96
C ILE A 541 4.08 18.21 -8.93
N ARG A 542 5.26 17.89 -8.42
CA ARG A 542 6.41 17.74 -9.30
C ARG A 542 6.20 16.60 -10.30
N PHE A 543 5.70 15.46 -9.82
CA PHE A 543 5.37 14.33 -10.69
C PHE A 543 4.47 14.78 -11.86
N ARG A 544 3.37 15.45 -11.56
CA ARG A 544 2.42 15.80 -12.63
C ARG A 544 2.98 16.89 -13.58
N TRP A 545 3.74 17.81 -13.04
CA TRP A 545 4.44 18.83 -13.85
C TRP A 545 5.43 18.14 -14.78
N LEU A 546 6.27 17.25 -14.23
CA LEU A 546 7.23 16.57 -15.12
C LEU A 546 6.55 15.69 -16.16
N ARG A 547 5.48 14.97 -15.83
CA ARG A 547 4.75 14.21 -16.84
C ARG A 547 4.22 15.18 -17.94
N LEU A 548 3.69 16.32 -17.52
CA LEU A 548 3.17 17.32 -18.46
C LEU A 548 4.32 17.75 -19.39
N CYS A 549 5.47 18.02 -18.85
CA CYS A 549 6.61 18.47 -19.66
C CYS A 549 7.10 17.41 -20.64
N ILE A 550 7.23 16.19 -20.17
CA ILE A 550 7.73 15.11 -21.01
C ILE A 550 6.72 14.77 -22.08
N GLN A 551 5.43 14.66 -21.73
CA GLN A 551 4.41 14.37 -22.73
C GLN A 551 4.28 15.51 -23.76
N SER A 552 4.66 16.71 -23.39
CA SER A 552 4.66 17.93 -24.27
C SER A 552 6.03 18.07 -24.95
N LYS A 553 6.93 17.10 -24.78
CA LYS A 553 8.19 16.92 -25.55
CA LYS A 553 8.15 16.97 -25.60
C LYS A 553 9.17 18.05 -25.28
N TRP A 554 9.23 18.48 -24.03
CA TRP A 554 10.21 19.45 -23.56
C TRP A 554 11.52 18.73 -23.18
N GLU A 555 12.56 18.84 -24.01
CA GLU A 555 13.82 18.09 -23.78
C GLU A 555 14.53 18.53 -22.50
N ASP A 556 14.33 19.76 -22.04
CA ASP A 556 14.95 20.28 -20.82
C ASP A 556 14.42 19.49 -19.63
N ALA A 557 13.21 18.95 -19.70
CA ALA A 557 12.65 18.21 -18.56
C ALA A 557 13.21 16.80 -18.42
N ILE A 558 13.91 16.30 -19.45
CA ILE A 558 14.38 14.90 -19.44
C ILE A 558 15.25 14.64 -18.23
N PRO A 559 16.31 15.43 -17.92
CA PRO A 559 17.14 15.11 -16.76
C PRO A 559 16.38 15.21 -15.43
N LEU A 560 15.42 16.12 -15.37
CA LEU A 560 14.58 16.26 -14.16
C LEU A 560 13.71 15.00 -13.97
N ALA A 561 13.10 14.52 -15.03
CA ALA A 561 12.23 13.34 -14.97
C ALA A 561 13.05 12.08 -14.64
N LEU A 562 14.21 11.94 -15.26
CA LEU A 562 15.06 10.78 -14.96
C LEU A 562 15.52 10.81 -13.53
N LYS A 563 15.89 11.96 -13.01
CA LYS A 563 16.31 12.11 -11.62
C LYS A 563 15.13 11.74 -10.71
N MET A 564 13.91 12.23 -10.99
CA MET A 564 12.81 11.92 -10.04
C MET A 564 12.48 10.42 -10.12
N ALA A 565 12.57 9.83 -11.31
CA ALA A 565 12.18 8.41 -11.52
C ALA A 565 13.14 7.52 -10.71
N THR A 566 14.39 7.91 -10.53
CA THR A 566 15.44 7.07 -9.94
C THR A 566 15.84 7.45 -8.52
N GLU A 567 15.65 8.69 -8.12
CA GLU A 567 16.05 9.13 -6.78
C GLU A 567 15.04 8.69 -5.73
N GLN A 568 13.85 8.35 -6.17
CA GLN A 568 12.83 7.68 -5.33
C GLN A 568 12.24 6.55 -6.14
N GLY A 569 11.49 5.68 -5.47
CA GLY A 569 10.93 4.49 -6.10
C GLY A 569 9.51 4.23 -5.81
N ARG A 570 8.78 5.25 -5.38
CA ARG A 570 7.34 5.06 -5.20
C ARG A 570 6.76 4.74 -6.58
N MET A 571 6.07 3.60 -6.72
CA MET A 571 5.64 3.11 -8.04
C MET A 571 4.69 4.12 -8.71
N LYS A 572 3.82 4.75 -7.93
CA LYS A 572 2.92 5.79 -8.41
C LYS A 572 3.65 6.79 -9.27
N PHE A 573 4.87 7.14 -8.92
CA PHE A 573 5.66 8.15 -9.62
C PHE A 573 6.64 7.50 -10.60
N THR A 574 7.40 6.53 -10.10
CA THR A 574 8.45 5.92 -10.93
C THR A 574 7.87 5.25 -12.18
N ARG A 575 6.77 4.51 -12.11
CA ARG A 575 6.34 3.74 -13.29
C ARG A 575 5.89 4.72 -14.37
N PRO A 576 5.00 5.70 -14.11
CA PRO A 576 4.60 6.60 -15.17
C PRO A 576 5.69 7.52 -15.68
N LEU A 577 6.66 7.89 -14.82
CA LEU A 577 7.76 8.72 -15.35
C LEU A 577 8.58 7.86 -16.33
N PHE A 578 8.92 6.63 -15.95
CA PHE A 578 9.69 5.80 -16.90
C PHE A 578 8.89 5.60 -18.18
N LYS A 579 7.60 5.36 -18.10
CA LYS A 579 6.76 5.08 -19.28
C LYS A 579 6.70 6.35 -20.18
N ASP A 580 6.53 7.52 -19.58
CA ASP A 580 6.55 8.79 -20.35
C ASP A 580 7.91 9.01 -21.02
N LEU A 581 9.00 8.80 -20.27
CA LEU A 581 10.34 8.95 -20.81
C LEU A 581 10.53 7.92 -21.93
N ALA A 582 10.03 6.71 -21.83
CA ALA A 582 10.24 5.72 -22.90
C ALA A 582 9.41 6.11 -24.12
N ALA A 583 8.29 6.83 -23.96
CA ALA A 583 7.37 7.20 -25.07
C ALA A 583 7.86 8.45 -25.80
N PHE A 584 8.80 9.19 -25.24
CA PHE A 584 9.40 10.40 -25.86
C PHE A 584 10.66 9.93 -26.60
N ASP A 585 10.68 10.06 -27.93
CA ASP A 585 11.80 9.54 -28.73
C ASP A 585 13.12 10.14 -28.22
N LYS A 586 13.15 11.36 -27.76
CA LYS A 586 14.42 12.00 -27.37
C LYS A 586 14.98 11.38 -26.08
N SER A 587 14.11 10.83 -25.23
CA SER A 587 14.51 10.23 -23.93
C SER A 587 14.47 8.70 -23.95
N HIS A 588 13.92 8.06 -24.98
CA HIS A 588 13.71 6.61 -24.98
C HIS A 588 14.99 5.88 -24.53
N ASP A 589 16.08 6.07 -25.27
CA ASP A 589 17.28 5.27 -24.97
C ASP A 589 17.77 5.52 -23.54
N GLN A 590 17.78 6.76 -23.05
CA GLN A 590 18.24 7.09 -21.68
C GLN A 590 17.33 6.38 -20.65
N ALA A 591 16.04 6.36 -20.92
CA ALA A 591 15.07 5.70 -20.02
C ALA A 591 15.43 4.21 -19.88
N VAL A 592 15.62 3.50 -20.99
CA VAL A 592 15.95 2.06 -20.96
C VAL A 592 17.31 1.88 -20.31
N ARG A 593 18.30 2.69 -20.69
N ARG A 593 18.28 2.69 -20.70
CA ARG A 593 19.68 2.56 -20.13
CA ARG A 593 19.64 2.55 -20.13
C ARG A 593 19.63 2.81 -18.61
C ARG A 593 19.63 2.80 -18.62
N THR A 594 18.87 3.80 -18.19
CA THR A 594 18.81 4.20 -16.79
C THR A 594 18.14 3.06 -16.00
N TYR A 595 17.09 2.51 -16.53
CA TYR A 595 16.46 1.32 -15.91
C TYR A 595 17.53 0.22 -15.76
N GLN A 596 18.21 -0.13 -16.83
CA GLN A 596 19.16 -1.25 -16.77
C GLN A 596 20.28 -0.99 -15.77
N GLU A 597 20.77 0.24 -15.61
CA GLU A 597 21.85 0.61 -14.68
C GLU A 597 21.37 0.56 -13.23
N HIS A 598 20.09 0.85 -12.99
CA HIS A 598 19.54 0.89 -11.62
C HIS A 598 18.85 -0.41 -11.25
N LYS A 599 18.50 -1.29 -12.19
CA LYS A 599 17.59 -2.44 -11.88
C LYS A 599 18.10 -3.27 -10.68
N ALA A 600 19.41 -3.55 -10.58
CA ALA A 600 19.97 -4.46 -9.54
C ALA A 600 19.78 -3.85 -8.13
N SER A 601 19.72 -2.50 -8.04
N SER A 601 19.67 -2.53 -8.00
CA SER A 601 19.59 -1.66 -6.81
CA SER A 601 19.57 -1.85 -6.70
C SER A 601 18.13 -1.37 -6.45
C SER A 601 18.15 -1.25 -6.51
N MET A 602 17.22 -1.68 -7.36
CA MET A 602 15.78 -1.35 -7.21
C MET A 602 15.08 -2.38 -6.29
N HIS A 603 14.01 -1.95 -5.68
CA HIS A 603 13.06 -2.89 -5.02
C HIS A 603 12.64 -3.96 -6.04
N PRO A 604 12.55 -5.25 -5.63
CA PRO A 604 12.38 -6.31 -6.63
C PRO A 604 11.04 -6.24 -7.36
N VAL A 605 10.00 -5.75 -6.71
CA VAL A 605 8.66 -5.67 -7.35
C VAL A 605 8.65 -4.48 -8.31
N THR A 606 9.20 -3.36 -7.87
CA THR A 606 9.33 -2.20 -8.77
C THR A 606 10.17 -2.58 -9.99
N ALA A 607 11.28 -3.25 -9.77
CA ALA A 607 12.16 -3.65 -10.89
C ALA A 607 11.36 -4.46 -11.90
N MET A 608 10.59 -5.43 -11.38
CA MET A 608 9.82 -6.29 -12.29
C MET A 608 8.82 -5.43 -13.09
N LEU A 609 8.07 -4.55 -12.42
CA LEU A 609 6.97 -3.85 -13.08
C LEU A 609 7.48 -2.80 -14.06
N VAL A 610 8.57 -2.09 -13.73
CA VAL A 610 9.16 -1.12 -14.66
C VAL A 610 9.69 -1.87 -15.88
N GLY A 611 10.30 -3.01 -15.64
CA GLY A 611 10.75 -3.84 -16.77
C GLY A 611 9.61 -4.24 -17.68
N LYS A 612 8.47 -4.65 -17.13
N LYS A 612 8.47 -4.70 -17.12
CA LYS A 612 7.31 -5.01 -17.98
CA LYS A 612 7.25 -4.99 -17.93
C LYS A 612 6.78 -3.75 -18.67
C LYS A 612 6.85 -3.73 -18.69
N ASP A 613 6.76 -2.61 -17.99
CA ASP A 613 6.27 -1.35 -18.60
C ASP A 613 7.18 -0.98 -19.78
N LEU A 614 8.50 -1.13 -19.66
CA LEU A 614 9.49 -0.67 -20.68
C LEU A 614 9.76 -1.79 -21.70
N LYS A 615 9.13 -2.97 -21.56
CA LYS A 615 9.37 -4.19 -22.39
C LYS A 615 10.84 -4.51 -22.42
N VAL A 616 11.50 -4.46 -21.28
CA VAL A 616 12.95 -4.70 -21.12
C VAL A 616 13.03 -5.91 -20.23
N ASP A 617 13.65 -7.00 -20.70
CA ASP A 617 13.64 -8.25 -19.91
C ASP A 617 14.99 -8.39 -19.17
#